data_6JMS
#
_entry.id   6JMS
#
_cell.length_a   71.423
_cell.length_b   71.423
_cell.length_c   63.447
_cell.angle_alpha   90.00
_cell.angle_beta   90.00
_cell.angle_gamma   90.00
#
_symmetry.space_group_name_H-M   'P 41'
#
loop_
_entity.id
_entity.type
_entity.pdbx_description
1 polymer 'Pollen allergen CJP38'
2 non-polymer 1,2-ETHANEDIOL
3 water water
#
_entity_poly.entity_id   1
_entity_poly.type   'polypeptide(L)'
_entity_poly.pdbx_seq_one_letter_code
;MHHHHHHEQIGVNYGMDGNNLPSAGDVVSLMKKNNIGKMRIFGPNADVLRAFANSRIEVIVGVENKGLEAVASSQDSANG
WVNDNIKPFYPSTNIKYIAVGNEVLEMPDNAQYVSFLVPAIKNIQTALENANLQNNIKVSTAHAMTVIGTSSPPSKGTFK
DAVKDSMSSILQFLQDHGSPFMANVYPYFSYDGDRSIKLDYALFNPTPPVVDEGLSYTNLFDAMVDAVLSAMESLGHPNI
PIVITESGWPSAGKDVATIENAQTYNNNLIKHVLSNAGTPKRPGSSIETYIFALFNENLKGPAEVEKHFGLFNPDEQPVY
PVKFSLN
;
_entity_poly.pdbx_strand_id   A
#
# COMPACT_ATOMS: atom_id res chain seq x y z
N GLU A 8 -8.03 9.10 9.98
CA GLU A 8 -7.48 9.93 11.08
C GLU A 8 -6.12 9.41 11.56
N GLN A 9 -5.84 8.09 11.53
CA GLN A 9 -4.52 7.57 11.96
C GLN A 9 -3.74 6.94 10.82
N ILE A 10 -2.44 7.05 10.91
CA ILE A 10 -1.57 6.54 9.86
C ILE A 10 -1.53 5.01 9.91
N GLY A 11 -1.22 4.41 8.76
CA GLY A 11 -0.97 2.98 8.65
C GLY A 11 0.49 2.66 8.39
N VAL A 12 0.85 1.40 8.62
N VAL A 12 0.80 1.37 8.53
CA VAL A 12 2.18 0.90 8.26
CA VAL A 12 2.13 0.87 8.27
C VAL A 12 2.05 -0.49 7.64
C VAL A 12 2.09 -0.53 7.70
N ASN A 13 3.03 -0.81 6.81
CA ASN A 13 3.26 -2.18 6.36
C ASN A 13 4.08 -2.89 7.41
N TYR A 14 3.52 -3.98 7.94
CA TYR A 14 4.21 -4.83 8.92
C TYR A 14 4.95 -5.90 8.12
N GLY A 15 6.05 -5.50 7.50
CA GLY A 15 6.90 -6.42 6.76
C GLY A 15 7.69 -7.28 7.73
N MET A 16 7.83 -8.56 7.40
CA MET A 16 8.41 -9.58 8.29
CA MET A 16 8.44 -9.53 8.33
C MET A 16 9.62 -10.26 7.73
N ASP A 17 10.20 -9.72 6.64
CA ASP A 17 11.32 -10.37 5.97
CA ASP A 17 11.34 -10.37 5.97
C ASP A 17 12.65 -9.97 6.63
N GLY A 18 12.75 -10.28 7.91
CA GLY A 18 13.98 -10.12 8.67
C GLY A 18 14.06 -11.31 9.59
N ASN A 19 15.28 -11.59 10.06
CA ASN A 19 15.49 -12.74 10.93
C ASN A 19 15.55 -12.36 12.42
N ASN A 20 15.23 -11.11 12.74
CA ASN A 20 15.51 -10.59 14.09
C ASN A 20 14.46 -9.61 14.57
N LEU A 21 13.21 -9.79 14.15
CA LEU A 21 12.16 -8.84 14.45
C LEU A 21 11.45 -9.18 15.78
N PRO A 22 10.71 -8.22 16.34
CA PRO A 22 10.02 -8.46 17.60
C PRO A 22 8.89 -9.45 17.53
N SER A 23 8.44 -9.92 18.71
CA SER A 23 7.20 -10.66 18.79
C SER A 23 6.03 -9.82 18.32
N ALA A 24 4.97 -10.49 17.89
CA ALA A 24 3.79 -9.82 17.39
C ALA A 24 3.18 -8.96 18.48
N GLY A 25 3.20 -9.44 19.74
CA GLY A 25 2.71 -8.62 20.83
C GLY A 25 3.49 -7.35 21.05
N ASP A 26 4.81 -7.43 20.91
CA ASP A 26 5.60 -6.19 21.01
C ASP A 26 5.28 -5.22 19.87
N VAL A 27 5.01 -5.76 18.69
CA VAL A 27 4.67 -4.92 17.56
C VAL A 27 3.33 -4.21 17.80
N VAL A 28 2.36 -4.90 18.36
CA VAL A 28 1.09 -4.26 18.71
C VAL A 28 1.34 -3.07 19.64
N SER A 29 2.17 -3.28 20.64
CA SER A 29 2.45 -2.23 21.62
C SER A 29 3.15 -1.04 20.97
N LEU A 30 4.05 -1.32 20.03
CA LEU A 30 4.78 -0.27 19.35
C LEU A 30 3.83 0.59 18.50
N MET A 31 2.90 -0.06 17.80
CA MET A 31 1.94 0.68 17.02
C MET A 31 1.06 1.54 17.92
N LYS A 32 0.56 0.96 19.02
CA LYS A 32 -0.32 1.73 19.93
CA LYS A 32 -0.32 1.73 19.93
C LYS A 32 0.39 2.94 20.49
N LYS A 33 1.63 2.76 20.92
CA LYS A 33 2.45 3.82 21.51
C LYS A 33 2.67 4.98 20.56
N ASN A 34 2.72 4.68 19.26
CA ASN A 34 2.97 5.68 18.23
C ASN A 34 1.74 6.10 17.44
N ASN A 35 0.54 5.78 17.94
CA ASN A 35 -0.72 6.17 17.28
CA ASN A 35 -0.73 6.17 17.29
C ASN A 35 -0.78 5.69 15.84
N ILE A 36 -0.24 4.50 15.60
CA ILE A 36 -0.37 3.86 14.31
C ILE A 36 -1.63 3.03 14.41
N GLY A 37 -2.61 3.35 13.59
CA GLY A 37 -3.95 2.83 13.71
C GLY A 37 -4.38 1.82 12.65
N LYS A 38 -3.49 1.53 11.69
CA LYS A 38 -3.81 0.61 10.59
C LYS A 38 -2.52 -0.12 10.27
N MET A 39 -2.63 -1.40 9.92
CA MET A 39 -1.45 -2.11 9.46
C MET A 39 -1.79 -3.13 8.40
N ARG A 40 -0.76 -3.46 7.62
CA ARG A 40 -0.88 -4.38 6.49
C ARG A 40 0.13 -5.50 6.62
N ILE A 41 -0.34 -6.74 6.39
CA ILE A 41 0.57 -7.88 6.28
C ILE A 41 0.41 -8.48 4.89
N PHE A 42 1.49 -9.08 4.39
CA PHE A 42 1.54 -9.55 3.01
C PHE A 42 0.95 -10.93 2.79
N GLY A 43 0.70 -11.64 3.86
CA GLY A 43 0.15 -12.99 3.80
C GLY A 43 -0.55 -13.31 5.10
N PRO A 44 -1.21 -14.46 5.13
CA PRO A 44 -1.82 -14.94 6.35
C PRO A 44 -0.84 -15.05 7.50
N ASN A 45 -1.29 -14.79 8.71
CA ASN A 45 -0.42 -14.98 9.87
C ASN A 45 -1.31 -15.01 11.10
N ALA A 46 -1.66 -16.22 11.55
CA ALA A 46 -2.53 -16.37 12.71
C ALA A 46 -1.96 -15.77 13.98
N ASP A 47 -0.67 -15.97 14.22
CA ASP A 47 -0.05 -15.42 15.43
C ASP A 47 -0.18 -13.91 15.47
N VAL A 48 0.05 -13.25 14.33
CA VAL A 48 -0.13 -11.82 14.28
C VAL A 48 -1.57 -11.39 14.46
N LEU A 49 -2.51 -12.01 13.75
CA LEU A 49 -3.89 -11.60 13.89
C LEU A 49 -4.39 -11.81 15.31
N ARG A 50 -3.97 -12.91 15.92
CA ARG A 50 -4.30 -13.14 17.35
C ARG A 50 -3.75 -12.05 18.26
N ALA A 51 -2.49 -11.68 18.06
CA ALA A 51 -1.87 -10.63 18.85
C ALA A 51 -2.60 -9.30 18.73
N PHE A 52 -3.18 -9.00 17.57
CA PHE A 52 -3.90 -7.75 17.32
C PHE A 52 -5.36 -7.74 17.80
N ALA A 53 -5.83 -8.86 18.36
CA ALA A 53 -7.20 -8.95 18.82
C ALA A 53 -7.47 -7.86 19.86
N ASN A 54 -8.58 -7.14 19.65
CA ASN A 54 -9.04 -6.02 20.49
C ASN A 54 -8.12 -4.82 20.53
N SER A 55 -7.16 -4.76 19.61
CA SER A 55 -6.26 -3.60 19.53
C SER A 55 -6.93 -2.38 18.92
N ARG A 56 -8.04 -2.59 18.18
CA ARG A 56 -8.73 -1.57 17.41
C ARG A 56 -7.98 -1.10 16.15
N ILE A 57 -6.85 -1.73 15.86
CA ILE A 57 -6.05 -1.40 14.69
C ILE A 57 -6.70 -2.06 13.48
N GLU A 58 -6.88 -1.29 12.42
CA GLU A 58 -7.48 -1.81 11.18
C GLU A 58 -6.43 -2.60 10.42
N VAL A 59 -6.83 -3.71 9.81
CA VAL A 59 -5.85 -4.63 9.22
C VAL A 59 -6.17 -4.97 7.77
N ILE A 60 -5.13 -4.92 6.93
CA ILE A 60 -5.18 -5.44 5.58
C ILE A 60 -4.40 -6.76 5.62
N VAL A 61 -5.05 -7.84 5.16
CA VAL A 61 -4.39 -9.16 5.06
C VAL A 61 -4.20 -9.50 3.60
N GLY A 62 -2.99 -9.90 3.22
CA GLY A 62 -2.72 -10.26 1.84
C GLY A 62 -2.95 -11.73 1.55
N VAL A 63 -3.32 -11.99 0.30
CA VAL A 63 -3.07 -13.31 -0.33
C VAL A 63 -1.69 -13.17 -0.97
N GLU A 64 -0.78 -14.07 -0.65
CA GLU A 64 0.56 -14.04 -1.21
C GLU A 64 0.49 -14.36 -2.68
N ASN A 65 1.39 -13.79 -3.47
CA ASN A 65 1.39 -14.06 -4.91
C ASN A 65 1.49 -15.56 -5.21
N LYS A 66 2.30 -16.25 -4.42
CA LYS A 66 2.43 -17.71 -4.61
C LYS A 66 1.18 -18.49 -4.21
N GLY A 67 0.22 -17.86 -3.52
CA GLY A 67 -1.03 -18.46 -3.14
C GLY A 67 -2.20 -18.13 -4.05
N LEU A 68 -1.98 -17.32 -5.07
CA LEU A 68 -3.06 -16.90 -5.96
C LEU A 68 -3.63 -18.06 -6.77
N GLU A 69 -2.74 -18.89 -7.29
CA GLU A 69 -3.16 -20.00 -8.15
C GLU A 69 -4.15 -20.91 -7.43
N ALA A 70 -3.89 -21.22 -6.16
CA ALA A 70 -4.79 -22.11 -5.41
C ALA A 70 -6.20 -21.53 -5.28
N VAL A 71 -6.27 -20.27 -4.86
CA VAL A 71 -7.59 -19.66 -4.64
C VAL A 71 -8.30 -19.31 -5.95
N ALA A 72 -7.56 -19.07 -7.03
CA ALA A 72 -8.14 -18.86 -8.38
C ALA A 72 -8.75 -20.13 -8.98
N SER A 73 -8.15 -21.24 -8.66
CA SER A 73 -8.45 -22.49 -9.36
C SER A 73 -9.66 -23.25 -8.78
N SER A 74 -10.09 -22.90 -7.57
CA SER A 74 -11.13 -23.60 -6.89
C SER A 74 -11.86 -22.70 -5.90
N GLN A 75 -13.19 -22.63 -5.95
CA GLN A 75 -13.96 -21.92 -4.91
C GLN A 75 -13.75 -22.57 -3.54
N ASP A 76 -13.63 -23.90 -3.49
CA ASP A 76 -13.38 -24.55 -2.22
C ASP A 76 -12.10 -24.06 -1.58
N SER A 77 -11.05 -23.87 -2.38
CA SER A 77 -9.76 -23.38 -1.89
CA SER A 77 -9.77 -23.40 -1.85
C SER A 77 -9.90 -21.95 -1.37
N ALA A 78 -10.57 -21.11 -2.14
CA ALA A 78 -10.78 -19.73 -1.70
C ALA A 78 -11.59 -19.68 -0.41
N ASN A 79 -12.66 -20.49 -0.31
CA ASN A 79 -13.41 -20.61 0.91
C ASN A 79 -12.51 -21.02 2.07
N GLY A 80 -11.67 -22.02 1.83
CA GLY A 80 -10.73 -22.48 2.84
C GLY A 80 -9.80 -21.38 3.30
N TRP A 81 -9.33 -20.59 2.35
CA TRP A 81 -8.43 -19.49 2.69
C TRP A 81 -9.11 -18.50 3.64
N VAL A 82 -10.32 -18.06 3.29
CA VAL A 82 -11.07 -17.18 4.17
C VAL A 82 -11.38 -17.83 5.54
N ASN A 83 -11.80 -19.10 5.49
CA ASN A 83 -12.23 -19.77 6.69
C ASN A 83 -11.07 -20.01 7.65
N ASP A 84 -9.88 -20.27 7.09
CA ASP A 84 -8.69 -20.49 7.91
C ASP A 84 -8.03 -19.20 8.40
N ASN A 85 -7.96 -18.22 7.50
CA ASN A 85 -7.07 -17.08 7.70
C ASN A 85 -7.74 -15.78 8.13
N ILE A 86 -9.06 -15.69 7.98
CA ILE A 86 -9.82 -14.45 8.23
C ILE A 86 -10.93 -14.70 9.23
N LYS A 87 -11.84 -15.63 8.92
CA LYS A 87 -13.02 -15.89 9.77
C LYS A 87 -12.77 -16.10 11.27
N PRO A 88 -11.69 -16.83 11.65
CA PRO A 88 -11.47 -17.09 13.07
C PRO A 88 -11.10 -15.85 13.88
N PHE A 89 -10.70 -14.77 13.20
CA PHE A 89 -10.12 -13.60 13.85
C PHE A 89 -11.01 -12.38 13.84
N TYR A 90 -12.11 -12.44 13.10
CA TYR A 90 -13.00 -11.29 12.91
C TYR A 90 -14.26 -11.51 13.79
N PRO A 91 -14.79 -10.50 14.50
CA PRO A 91 -14.38 -9.09 14.49
C PRO A 91 -13.33 -8.66 15.51
N SER A 92 -12.83 -9.55 16.38
CA SER A 92 -11.90 -9.13 17.43
C SER A 92 -10.66 -8.47 16.86
N THR A 93 -10.16 -9.01 15.74
CA THR A 93 -9.14 -8.33 14.96
C THR A 93 -9.86 -7.64 13.82
N ASN A 94 -9.65 -6.34 13.70
CA ASN A 94 -10.47 -5.50 12.83
C ASN A 94 -9.93 -5.51 11.38
N ILE A 95 -10.09 -6.66 10.75
CA ILE A 95 -9.69 -6.84 9.37
C ILE A 95 -10.65 -6.05 8.50
N LYS A 96 -10.12 -5.18 7.64
CA LYS A 96 -10.92 -4.32 6.75
C LYS A 96 -10.82 -4.70 5.28
N TYR A 97 -9.64 -5.19 4.85
CA TYR A 97 -9.44 -5.50 3.46
C TYR A 97 -8.61 -6.77 3.30
N ILE A 98 -8.90 -7.47 2.20
CA ILE A 98 -8.01 -8.52 1.68
CA ILE A 98 -8.00 -8.50 1.69
C ILE A 98 -7.35 -7.96 0.42
N ALA A 99 -6.02 -7.88 0.41
CA ALA A 99 -5.25 -7.43 -0.75
C ALA A 99 -4.79 -8.70 -1.45
N VAL A 100 -5.53 -9.08 -2.49
CA VAL A 100 -5.31 -10.32 -3.20
C VAL A 100 -4.17 -10.13 -4.19
N GLY A 101 -2.96 -10.52 -3.79
CA GLY A 101 -1.77 -10.28 -4.58
C GLY A 101 -1.17 -8.89 -4.37
N ASN A 102 0.10 -8.80 -4.70
CA ASN A 102 0.89 -7.59 -4.53
C ASN A 102 1.76 -7.39 -5.76
N GLU A 103 1.56 -6.30 -6.47
CA GLU A 103 2.37 -5.94 -7.64
C GLU A 103 2.37 -7.03 -8.70
N VAL A 104 1.22 -7.60 -8.92
CA VAL A 104 1.14 -8.72 -9.89
C VAL A 104 1.30 -8.27 -11.34
N LEU A 105 0.61 -7.20 -11.71
CA LEU A 105 0.64 -6.70 -13.09
C LEU A 105 1.91 -5.91 -13.37
N GLU A 106 2.40 -6.00 -14.62
CA GLU A 106 3.53 -5.21 -15.07
C GLU A 106 4.75 -5.34 -14.17
N MET A 107 5.04 -6.57 -13.78
N MET A 107 5.01 -6.57 -13.76
CA MET A 107 6.19 -6.88 -12.97
CA MET A 107 6.18 -6.92 -13.00
C MET A 107 6.78 -8.22 -13.41
C MET A 107 6.74 -8.23 -13.50
N PRO A 108 7.97 -8.19 -14.04
CA PRO A 108 8.57 -9.43 -14.56
C PRO A 108 8.54 -10.64 -13.62
N ASP A 109 8.91 -10.43 -12.36
CA ASP A 109 8.91 -11.50 -11.35
CA ASP A 109 8.94 -11.55 -11.40
C ASP A 109 7.56 -12.13 -11.06
N ASN A 110 6.48 -11.40 -11.33
CA ASN A 110 5.13 -11.87 -11.09
C ASN A 110 4.34 -12.18 -12.33
N ALA A 111 4.97 -12.14 -13.50
CA ALA A 111 4.26 -12.42 -14.76
C ALA A 111 3.58 -13.78 -14.70
N GLN A 112 4.24 -14.74 -14.04
CA GLN A 112 3.68 -16.09 -13.86
C GLN A 112 2.33 -16.17 -13.15
N TYR A 113 1.96 -15.11 -12.41
CA TYR A 113 0.73 -15.09 -11.64
C TYR A 113 -0.42 -14.31 -12.23
N VAL A 114 -0.17 -13.59 -13.33
CA VAL A 114 -1.13 -12.68 -13.90
C VAL A 114 -2.46 -13.34 -14.20
N SER A 115 -2.44 -14.55 -14.77
CA SER A 115 -3.69 -15.21 -15.15
C SER A 115 -4.57 -15.64 -13.98
N PHE A 116 -3.98 -15.68 -12.77
CA PHE A 116 -4.71 -16.04 -11.56
C PHE A 116 -5.33 -14.83 -10.83
N LEU A 117 -4.95 -13.62 -11.22
CA LEU A 117 -5.31 -12.44 -10.42
C LEU A 117 -6.81 -12.18 -10.32
N VAL A 118 -7.48 -12.06 -11.46
CA VAL A 118 -8.89 -11.72 -11.47
C VAL A 118 -9.75 -12.85 -10.87
N PRO A 119 -9.51 -14.11 -11.28
CA PRO A 119 -10.32 -15.15 -10.62
C PRO A 119 -10.06 -15.30 -9.13
N ALA A 120 -8.82 -15.05 -8.70
CA ALA A 120 -8.53 -15.04 -7.26
C ALA A 120 -9.32 -13.93 -6.52
N ILE A 121 -9.33 -12.72 -7.09
CA ILE A 121 -10.11 -11.61 -6.50
C ILE A 121 -11.60 -12.00 -6.36
N LYS A 122 -12.17 -12.51 -7.44
CA LYS A 122 -13.57 -12.90 -7.46
C LYS A 122 -13.90 -14.04 -6.51
N ASN A 123 -13.01 -15.03 -6.43
CA ASN A 123 -13.24 -16.18 -5.56
C ASN A 123 -13.06 -15.83 -4.10
N ILE A 124 -12.13 -14.94 -3.80
CA ILE A 124 -12.00 -14.44 -2.44
C ILE A 124 -13.24 -13.67 -2.04
N GLN A 125 -13.78 -12.85 -2.95
CA GLN A 125 -15.05 -12.17 -2.67
C GLN A 125 -16.19 -13.15 -2.37
N THR A 126 -16.34 -14.13 -3.24
CA THR A 126 -17.35 -15.18 -3.02
C THR A 126 -17.13 -15.89 -1.69
N ALA A 127 -15.86 -16.15 -1.34
CA ALA A 127 -15.54 -16.75 -0.07
C ALA A 127 -15.93 -15.89 1.12
N LEU A 128 -15.71 -14.57 1.03
CA LEU A 128 -16.19 -13.69 2.07
C LEU A 128 -17.73 -13.75 2.21
N GLU A 129 -18.41 -13.76 1.09
CA GLU A 129 -19.87 -13.88 1.08
C GLU A 129 -20.30 -15.19 1.70
N ASN A 130 -19.63 -16.27 1.33
CA ASN A 130 -19.94 -17.58 1.94
C ASN A 130 -19.73 -17.61 3.46
N ALA A 131 -18.78 -16.81 3.95
CA ALA A 131 -18.55 -16.65 5.40
C ALA A 131 -19.35 -15.56 6.09
N ASN A 132 -20.24 -14.88 5.35
N ASN A 132 -20.24 -14.90 5.35
CA ASN A 132 -21.05 -13.78 5.86
CA ASN A 132 -21.03 -13.78 5.88
C ASN A 132 -20.22 -12.59 6.35
C ASN A 132 -20.15 -12.67 6.43
N LEU A 133 -19.07 -12.38 5.71
CA LEU A 133 -18.15 -11.29 6.06
C LEU A 133 -18.16 -10.16 5.05
N GLN A 134 -19.01 -10.26 4.04
CA GLN A 134 -18.96 -9.29 2.94
C GLN A 134 -19.36 -7.86 3.36
N ASN A 135 -20.08 -7.67 4.47
CA ASN A 135 -20.42 -6.29 4.93
C ASN A 135 -19.31 -5.59 5.69
N ASN A 136 -18.25 -6.34 5.99
CA ASN A 136 -17.23 -5.90 6.88
C ASN A 136 -15.87 -5.83 6.23
N ILE A 137 -15.63 -6.67 5.23
CA ILE A 137 -14.30 -6.80 4.66
C ILE A 137 -14.45 -6.69 3.17
N LYS A 138 -13.61 -5.86 2.55
CA LYS A 138 -13.62 -5.68 1.09
C LYS A 138 -12.34 -6.21 0.47
N VAL A 139 -12.42 -6.42 -0.83
CA VAL A 139 -11.37 -7.09 -1.59
C VAL A 139 -10.79 -6.18 -2.65
N SER A 140 -9.46 -6.15 -2.73
CA SER A 140 -8.77 -5.45 -3.80
C SER A 140 -7.46 -6.12 -4.09
N THR A 141 -6.52 -5.43 -4.73
CA THR A 141 -5.16 -5.91 -5.02
C THR A 141 -4.24 -4.73 -5.11
N ALA A 142 -3.00 -4.88 -4.66
CA ALA A 142 -2.07 -3.73 -4.63
C ALA A 142 -1.31 -3.67 -5.93
N HIS A 143 -1.35 -2.51 -6.59
CA HIS A 143 -0.69 -2.29 -7.88
C HIS A 143 0.57 -1.45 -7.71
N ALA A 144 1.61 -1.81 -8.44
CA ALA A 144 2.76 -0.95 -8.64
C ALA A 144 2.44 0.13 -9.65
N MET A 145 3.23 1.19 -9.62
CA MET A 145 3.11 2.28 -10.60
CA MET A 145 3.07 2.26 -10.60
C MET A 145 3.50 1.87 -12.02
N THR A 146 4.08 0.67 -12.17
CA THR A 146 4.41 0.12 -13.50
C THR A 146 3.15 -0.13 -14.30
N VAL A 147 1.97 -0.12 -13.67
CA VAL A 147 0.74 -0.23 -14.46
C VAL A 147 0.38 1.05 -15.21
N ILE A 148 0.97 2.18 -14.81
CA ILE A 148 0.69 3.48 -15.38
C ILE A 148 1.59 3.74 -16.59
N GLY A 149 0.97 4.20 -17.67
CA GLY A 149 1.69 4.49 -18.93
C GLY A 149 2.19 5.92 -18.84
N THR A 150 1.35 6.85 -19.24
CA THR A 150 1.65 8.25 -19.14
C THR A 150 1.36 8.68 -17.71
N SER A 151 2.27 9.40 -17.07
CA SER A 151 1.99 9.97 -15.75
C SER A 151 2.20 11.48 -15.60
N SER A 152 2.76 12.13 -16.62
CA SER A 152 3.03 13.55 -16.58
C SER A 152 2.46 14.18 -17.84
N PRO A 153 1.63 15.22 -17.73
CA PRO A 153 1.10 15.74 -16.48
C PRO A 153 0.06 14.79 -15.85
N PRO A 154 -0.24 14.97 -14.55
CA PRO A 154 -1.16 14.03 -13.90
C PRO A 154 -2.55 13.90 -14.57
N SER A 155 -3.02 14.98 -15.18
CA SER A 155 -4.32 14.98 -15.87
C SER A 155 -4.35 14.03 -17.06
N LYS A 156 -3.19 13.67 -17.60
CA LYS A 156 -3.08 12.78 -18.75
C LYS A 156 -2.75 11.34 -18.38
N GLY A 157 -2.89 11.00 -17.10
CA GLY A 157 -2.57 9.64 -16.67
C GLY A 157 -3.37 8.57 -17.38
N THR A 158 -2.69 7.48 -17.75
CA THR A 158 -3.30 6.33 -18.41
C THR A 158 -2.71 5.04 -17.88
N PHE A 159 -3.40 3.94 -18.11
CA PHE A 159 -2.82 2.63 -17.90
C PHE A 159 -2.13 2.18 -19.18
N LYS A 160 -1.04 1.43 -19.03
CA LYS A 160 -0.39 0.80 -20.16
C LYS A 160 -1.37 -0.07 -20.93
N ASP A 161 -1.26 -0.07 -22.25
CA ASP A 161 -2.15 -0.90 -23.06
C ASP A 161 -2.22 -2.34 -22.64
N ALA A 162 -1.08 -2.90 -22.26
CA ALA A 162 -0.97 -4.29 -21.91
C ALA A 162 -1.79 -4.70 -20.69
N VAL A 163 -2.11 -3.75 -19.80
CA VAL A 163 -2.90 -4.07 -18.59
C VAL A 163 -4.35 -3.64 -18.66
N LYS A 164 -4.76 -2.97 -19.73
CA LYS A 164 -6.10 -2.40 -19.81
C LYS A 164 -7.21 -3.43 -19.65
N ASP A 165 -7.08 -4.60 -20.28
CA ASP A 165 -8.09 -5.67 -20.14
C ASP A 165 -8.27 -6.09 -18.68
N SER A 166 -7.17 -6.46 -18.05
CA SER A 166 -7.16 -6.88 -16.66
C SER A 166 -7.65 -5.76 -15.76
N MET A 167 -7.14 -4.56 -16.00
CA MET A 167 -7.52 -3.43 -15.18
C MET A 167 -8.98 -3.07 -15.31
N SER A 168 -9.55 -3.12 -16.52
CA SER A 168 -10.97 -2.90 -16.71
C SER A 168 -11.81 -3.85 -15.88
N SER A 169 -11.42 -5.12 -15.86
CA SER A 169 -12.12 -6.12 -15.06
CA SER A 169 -12.13 -6.12 -15.06
C SER A 169 -12.01 -5.80 -13.58
N ILE A 170 -10.81 -5.47 -13.13
CA ILE A 170 -10.58 -5.13 -11.75
C ILE A 170 -11.35 -3.90 -11.34
N LEU A 171 -11.30 -2.84 -12.15
CA LEU A 171 -12.03 -1.61 -11.79
C LEU A 171 -13.54 -1.82 -11.71
N GLN A 172 -14.09 -2.64 -12.60
CA GLN A 172 -15.52 -2.89 -12.52
C GLN A 172 -15.87 -3.63 -11.25
N PHE A 173 -15.06 -4.62 -10.90
CA PHE A 173 -15.21 -5.33 -9.63
C PHE A 173 -15.18 -4.34 -8.46
N LEU A 174 -14.21 -3.43 -8.47
CA LEU A 174 -14.10 -2.49 -7.37
C LEU A 174 -15.33 -1.60 -7.29
N GLN A 175 -15.81 -1.10 -8.42
CA GLN A 175 -16.97 -0.22 -8.43
C GLN A 175 -18.18 -0.96 -7.86
N ASP A 176 -18.37 -2.18 -8.33
CA ASP A 176 -19.52 -2.97 -7.93
C ASP A 176 -19.51 -3.29 -6.44
N HIS A 177 -18.33 -3.36 -5.84
CA HIS A 177 -18.22 -3.69 -4.43
C HIS A 177 -17.89 -2.52 -3.51
N GLY A 178 -17.85 -1.29 -4.03
CA GLY A 178 -17.48 -0.14 -3.19
C GLY A 178 -16.09 -0.31 -2.57
N SER A 179 -15.20 -0.91 -3.32
CA SER A 179 -13.85 -1.25 -2.85
C SER A 179 -12.82 -0.32 -3.47
N PRO A 180 -11.70 -0.05 -2.75
CA PRO A 180 -10.73 0.93 -3.25
C PRO A 180 -9.69 0.31 -4.20
N PHE A 181 -9.14 1.13 -5.08
CA PHE A 181 -7.91 0.82 -5.81
C PHE A 181 -6.78 0.90 -4.79
N MET A 182 -5.89 -0.09 -4.75
CA MET A 182 -4.76 -0.06 -3.83
C MET A 182 -3.50 0.19 -4.64
N ALA A 183 -2.77 1.25 -4.28
CA ALA A 183 -1.57 1.65 -5.03
C ALA A 183 -0.34 1.70 -4.12
N ASN A 184 0.76 1.18 -4.63
CA ASN A 184 2.09 1.31 -4.03
C ASN A 184 2.79 2.44 -4.80
N VAL A 185 3.09 3.55 -4.10
CA VAL A 185 3.46 4.80 -4.76
C VAL A 185 4.74 5.32 -4.12
N TYR A 186 5.82 5.36 -4.90
CA TYR A 186 7.14 5.75 -4.38
C TYR A 186 7.79 6.85 -5.20
N PRO A 187 7.56 8.11 -4.79
CA PRO A 187 8.39 9.19 -5.29
C PRO A 187 9.88 8.87 -5.27
N TYR A 188 10.34 8.12 -4.25
CA TYR A 188 11.74 7.72 -4.22
C TYR A 188 12.20 7.04 -5.51
N PHE A 189 11.47 6.02 -5.93
CA PHE A 189 11.87 5.28 -7.13
C PHE A 189 11.72 6.09 -8.39
N SER A 190 10.68 6.92 -8.47
CA SER A 190 10.55 7.79 -9.63
CA SER A 190 10.51 7.81 -9.61
C SER A 190 11.74 8.73 -9.73
N TYR A 191 12.11 9.35 -8.61
CA TYR A 191 13.24 10.25 -8.56
C TYR A 191 14.52 9.48 -8.89
N ASP A 192 14.72 8.32 -8.26
CA ASP A 192 16.02 7.66 -8.40
C ASP A 192 16.26 7.36 -9.87
N GLY A 193 15.20 6.94 -10.56
CA GLY A 193 15.27 6.59 -11.99
C GLY A 193 15.21 7.73 -12.98
N ASP A 194 14.94 8.95 -12.52
CA ASP A 194 14.91 10.13 -13.38
C ASP A 194 15.34 11.35 -12.59
N ARG A 195 16.64 11.60 -12.57
CA ARG A 195 17.23 12.67 -11.81
C ARG A 195 16.93 14.08 -12.34
N SER A 196 16.20 14.18 -13.45
CA SER A 196 15.68 15.47 -13.92
C SER A 196 14.49 15.93 -13.07
N ILE A 197 13.89 15.01 -12.31
CA ILE A 197 12.90 15.38 -11.31
C ILE A 197 13.63 16.13 -10.20
N LYS A 198 13.00 17.20 -9.70
CA LYS A 198 13.59 17.93 -8.57
C LYS A 198 13.45 17.12 -7.28
N LEU A 199 14.58 16.90 -6.61
CA LEU A 199 14.55 16.17 -5.35
C LEU A 199 13.60 16.81 -4.35
N ASP A 200 13.57 18.15 -4.31
CA ASP A 200 12.67 18.83 -3.38
C ASP A 200 11.21 18.47 -3.64
N TYR A 201 10.83 18.34 -4.91
CA TYR A 201 9.47 17.95 -5.28
C TYR A 201 9.16 16.53 -4.78
N ALA A 202 10.14 15.63 -4.90
CA ALA A 202 9.98 14.28 -4.37
C ALA A 202 9.81 14.26 -2.85
N LEU A 203 10.50 15.16 -2.14
CA LEU A 203 10.54 15.17 -0.69
C LEU A 203 9.47 15.99 0.03
N PHE A 204 8.59 16.65 -0.73
CA PHE A 204 7.64 17.66 -0.22
C PHE A 204 8.35 18.93 0.33
N ASN A 205 9.56 19.20 -0.13
CA ASN A 205 10.28 20.41 0.27
C ASN A 205 9.83 21.59 -0.59
N PRO A 206 10.13 22.81 -0.14
CA PRO A 206 9.75 23.94 -0.99
C PRO A 206 10.30 23.84 -2.41
N THR A 207 9.42 24.12 -3.37
CA THR A 207 9.72 23.91 -4.76
C THR A 207 8.61 24.59 -5.54
N PRO A 208 8.88 25.05 -6.77
CA PRO A 208 7.79 25.66 -7.53
C PRO A 208 6.66 24.72 -7.83
N PRO A 209 5.40 25.11 -7.57
CA PRO A 209 4.36 24.15 -7.90
C PRO A 209 4.18 23.97 -9.41
N VAL A 210 3.66 22.81 -9.76
CA VAL A 210 3.39 22.43 -11.14
C VAL A 210 1.91 22.60 -11.32
N VAL A 211 1.50 23.53 -12.19
CA VAL A 211 0.09 23.78 -12.41
C VAL A 211 -0.35 22.98 -13.64
N ASP A 212 -1.42 22.20 -13.47
CA ASP A 212 -1.92 21.27 -14.48
C ASP A 212 -3.43 21.39 -14.51
N GLU A 213 -3.97 21.92 -15.60
CA GLU A 213 -5.44 22.15 -15.71
C GLU A 213 -6.03 22.87 -14.48
N GLY A 214 -5.36 23.92 -14.05
CA GLY A 214 -5.76 24.71 -12.88
C GLY A 214 -5.44 24.19 -11.50
N LEU A 215 -4.88 22.98 -11.43
CA LEU A 215 -4.62 22.32 -10.15
C LEU A 215 -3.14 22.44 -9.86
N SER A 216 -2.82 22.65 -8.58
CA SER A 216 -1.43 22.85 -8.19
C SER A 216 -0.85 21.62 -7.55
N TYR A 217 0.20 21.13 -8.18
CA TYR A 217 0.98 19.99 -7.66
C TYR A 217 2.24 20.49 -6.97
N THR A 218 2.26 20.34 -5.65
CA THR A 218 3.37 20.86 -4.86
C THR A 218 4.40 19.77 -4.59
N ASN A 219 4.08 18.52 -4.91
CA ASN A 219 4.94 17.39 -4.59
C ASN A 219 4.66 16.24 -5.53
N LEU A 220 5.64 15.34 -5.65
CA LEU A 220 5.57 14.24 -6.58
C LEU A 220 4.55 13.17 -6.18
N PHE A 221 4.36 12.97 -4.89
CA PHE A 221 3.37 12.01 -4.41
C PHE A 221 1.98 12.33 -4.96
N ASP A 222 1.52 13.57 -4.77
CA ASP A 222 0.24 13.97 -5.32
C ASP A 222 0.17 13.79 -6.83
N ALA A 223 1.25 14.12 -7.54
CA ALA A 223 1.28 13.95 -8.98
C ALA A 223 1.12 12.49 -9.41
N MET A 224 1.81 11.61 -8.72
CA MET A 224 1.71 10.18 -9.02
C MET A 224 0.32 9.63 -8.71
N VAL A 225 -0.22 9.99 -7.54
CA VAL A 225 -1.55 9.50 -7.16
C VAL A 225 -2.59 9.99 -8.15
N ASP A 226 -2.51 11.25 -8.54
CA ASP A 226 -3.48 11.78 -9.47
C ASP A 226 -3.34 11.24 -10.87
N ALA A 227 -2.15 10.80 -11.28
CA ALA A 227 -2.01 10.09 -12.54
C ALA A 227 -2.84 8.79 -12.50
N VAL A 228 -2.85 8.13 -11.34
CA VAL A 228 -3.66 6.90 -11.18
C VAL A 228 -5.16 7.25 -11.27
N LEU A 229 -5.57 8.32 -10.60
CA LEU A 229 -6.98 8.72 -10.67
C LEU A 229 -7.39 9.03 -12.11
N SER A 230 -6.53 9.72 -12.83
CA SER A 230 -6.83 10.03 -14.26
C SER A 230 -6.91 8.75 -15.08
N ALA A 231 -6.02 7.80 -14.79
CA ALA A 231 -6.03 6.51 -15.49
C ALA A 231 -7.32 5.77 -15.24
N MET A 232 -7.82 5.78 -13.99
CA MET A 232 -9.11 5.15 -13.71
C MET A 232 -10.24 5.85 -14.46
N GLU A 233 -10.20 7.17 -14.48
CA GLU A 233 -11.20 7.94 -15.23
C GLU A 233 -11.16 7.64 -16.71
N SER A 234 -9.98 7.40 -17.25
CA SER A 234 -9.81 7.09 -18.68
C SER A 234 -10.46 5.76 -19.06
N LEU A 235 -10.65 4.85 -18.09
CA LEU A 235 -11.37 3.57 -18.31
C LEU A 235 -12.81 3.63 -17.83
N GLY A 236 -13.34 4.83 -17.63
CA GLY A 236 -14.75 5.02 -17.25
C GLY A 236 -15.08 4.87 -15.78
N HIS A 237 -14.08 5.01 -14.89
CA HIS A 237 -14.30 4.81 -13.44
C HIS A 237 -13.83 6.00 -12.62
N PRO A 238 -14.66 7.02 -12.50
CA PRO A 238 -14.32 8.24 -11.77
C PRO A 238 -14.57 8.24 -10.26
N ASN A 239 -15.20 7.20 -9.73
CA ASN A 239 -15.64 7.25 -8.33
C ASN A 239 -15.02 6.18 -7.46
N ILE A 240 -13.91 5.60 -7.91
CA ILE A 240 -13.23 4.58 -7.11
C ILE A 240 -12.19 5.27 -6.23
N PRO A 241 -12.29 5.11 -4.92
CA PRO A 241 -11.28 5.71 -4.03
C PRO A 241 -9.95 4.99 -4.12
N ILE A 242 -8.91 5.65 -3.67
CA ILE A 242 -7.55 5.08 -3.68
CA ILE A 242 -7.59 5.10 -3.67
C ILE A 242 -7.08 4.97 -2.24
N VAL A 243 -6.52 3.80 -1.93
CA VAL A 243 -5.78 3.55 -0.68
C VAL A 243 -4.32 3.37 -1.10
N ILE A 244 -3.41 4.08 -0.44
CA ILE A 244 -1.98 3.95 -0.71
C ILE A 244 -1.42 2.87 0.21
N THR A 245 -1.34 1.67 -0.36
CA THR A 245 -0.89 0.50 0.42
C THR A 245 0.60 0.50 0.73
N GLU A 246 1.39 1.30 0.01
CA GLU A 246 2.83 1.48 0.31
C GLU A 246 3.29 2.84 -0.13
N SER A 247 4.09 3.49 0.72
CA SER A 247 4.95 4.56 0.28
C SER A 247 6.03 4.71 1.34
N GLY A 248 7.26 5.04 0.95
CA GLY A 248 8.37 5.18 1.89
C GLY A 248 9.63 5.57 1.16
N TRP A 249 10.73 5.65 1.90
CA TRP A 249 11.96 6.20 1.36
C TRP A 249 13.09 5.55 2.14
N PRO A 250 14.04 4.87 1.47
CA PRO A 250 15.07 4.14 2.19
C PRO A 250 16.11 5.06 2.80
N SER A 251 16.69 4.63 3.91
CA SER A 251 17.60 5.48 4.69
C SER A 251 19.08 5.18 4.51
N ALA A 252 19.39 4.19 3.67
CA ALA A 252 20.79 3.87 3.31
C ALA A 252 20.77 3.09 2.02
N GLY A 253 21.90 3.11 1.32
CA GLY A 253 22.10 2.25 0.16
C GLY A 253 22.14 2.96 -1.17
N LYS A 254 22.08 4.29 -1.18
CA LYS A 254 22.09 5.10 -2.41
CA LYS A 254 22.11 5.10 -2.41
C LYS A 254 22.43 6.53 -2.01
N ASP A 255 22.98 7.32 -2.95
CA ASP A 255 23.27 8.73 -2.63
C ASP A 255 22.14 9.45 -1.91
N VAL A 256 20.89 9.28 -2.37
CA VAL A 256 19.77 10.01 -1.80
C VAL A 256 18.94 9.17 -0.83
N ALA A 257 19.41 7.96 -0.57
CA ALA A 257 18.88 7.13 0.50
C ALA A 257 19.68 7.39 1.75
N THR A 258 19.22 8.36 2.53
CA THR A 258 19.91 8.81 3.72
C THR A 258 18.96 8.98 4.87
N ILE A 259 19.52 9.07 6.08
CA ILE A 259 18.69 9.30 7.26
C ILE A 259 17.85 10.56 7.07
N GLU A 260 18.50 11.63 6.65
CA GLU A 260 17.85 12.92 6.47
CA GLU A 260 17.79 12.89 6.55
C GLU A 260 16.69 12.84 5.50
N ASN A 261 16.94 12.22 4.34
CA ASN A 261 15.92 12.21 3.30
C ASN A 261 14.75 11.29 3.66
N ALA A 262 15.04 10.15 4.30
CA ALA A 262 13.98 9.26 4.71
C ALA A 262 13.13 9.94 5.78
N GLN A 263 13.79 10.61 6.75
CA GLN A 263 13.10 11.35 7.79
C GLN A 263 12.22 12.44 7.15
N THR A 264 12.75 13.18 6.20
CA THR A 264 12.00 14.23 5.53
C THR A 264 10.80 13.67 4.79
N TYR A 265 11.01 12.66 3.96
CA TYR A 265 9.93 12.10 3.17
C TYR A 265 8.82 11.57 4.05
N ASN A 266 9.16 10.71 5.01
CA ASN A 266 8.09 10.05 5.79
C ASN A 266 7.40 11.01 6.73
N ASN A 267 8.13 11.92 7.37
CA ASN A 267 7.43 12.94 8.20
C ASN A 267 6.49 13.78 7.35
N ASN A 268 6.97 14.22 6.19
CA ASN A 268 6.15 15.06 5.33
C ASN A 268 4.97 14.30 4.74
N LEU A 269 5.17 13.05 4.37
CA LEU A 269 4.08 12.24 3.84
C LEU A 269 2.99 12.10 4.88
N ILE A 270 3.37 11.76 6.11
CA ILE A 270 2.37 11.56 7.17
C ILE A 270 1.56 12.84 7.40
N LYS A 271 2.24 13.95 7.51
CA LYS A 271 1.58 15.23 7.72
C LYS A 271 0.64 15.53 6.55
N HIS A 272 1.05 15.19 5.33
CA HIS A 272 0.26 15.42 4.13
C HIS A 272 -0.99 14.55 4.10
N VAL A 273 -0.83 13.25 4.30
CA VAL A 273 -1.96 12.36 4.12
C VAL A 273 -2.96 12.36 5.27
N LEU A 274 -2.53 12.68 6.48
CA LEU A 274 -3.45 12.77 7.62
C LEU A 274 -4.25 14.06 7.61
N SER A 275 -3.74 15.07 6.92
CA SER A 275 -4.42 16.35 6.82
C SER A 275 -5.66 16.24 5.95
N ASN A 276 -6.41 17.36 5.87
CA ASN A 276 -7.54 17.42 4.94
C ASN A 276 -7.13 17.83 3.51
N ALA A 277 -5.84 17.94 3.21
CA ALA A 277 -5.43 18.42 1.88
C ALA A 277 -6.00 17.61 0.75
N GLY A 278 -5.96 16.29 0.89
CA GLY A 278 -6.27 15.41 -0.22
C GLY A 278 -5.25 15.55 -1.32
N THR A 279 -5.61 15.17 -2.53
CA THR A 279 -4.81 15.49 -3.71
C THR A 279 -5.54 16.52 -4.53
N PRO A 280 -4.86 17.14 -5.48
CA PRO A 280 -5.52 18.27 -6.19
C PRO A 280 -6.75 17.83 -6.95
N LYS A 281 -6.77 16.63 -7.51
CA LYS A 281 -8.00 16.15 -8.16
C LYS A 281 -9.10 15.79 -7.16
N ARG A 282 -8.75 15.34 -5.96
CA ARG A 282 -9.70 14.95 -4.90
CA ARG A 282 -9.73 15.00 -4.94
C ARG A 282 -9.34 15.63 -3.59
N PRO A 283 -9.53 16.95 -3.52
CA PRO A 283 -9.10 17.65 -2.32
C PRO A 283 -10.10 17.50 -1.21
N GLY A 284 -9.65 17.71 0.02
CA GLY A 284 -10.56 17.92 1.11
C GLY A 284 -10.71 16.80 2.07
N SER A 285 -10.06 15.67 1.81
CA SER A 285 -10.13 14.58 2.77
C SER A 285 -8.82 13.85 2.87
N SER A 286 -8.57 13.26 4.03
CA SER A 286 -7.37 12.46 4.30
C SER A 286 -7.24 11.29 3.32
N ILE A 287 -5.99 10.91 3.08
CA ILE A 287 -5.64 9.84 2.17
C ILE A 287 -5.19 8.63 2.99
N GLU A 288 -5.87 7.50 2.85
CA GLU A 288 -5.54 6.32 3.64
C GLU A 288 -4.21 5.77 3.14
N THR A 289 -3.22 5.70 4.02
CA THR A 289 -1.84 5.44 3.64
C THR A 289 -1.16 4.50 4.62
N TYR A 290 -0.38 3.58 4.05
CA TYR A 290 0.41 2.62 4.82
C TYR A 290 1.88 2.84 4.47
N ILE A 291 2.62 3.41 5.43
CA ILE A 291 4.04 3.60 5.22
C ILE A 291 4.73 2.26 5.00
N PHE A 292 5.61 2.20 4.01
CA PHE A 292 6.47 1.04 3.83
C PHE A 292 7.84 1.43 4.39
N ALA A 293 8.29 0.90 5.52
CA ALA A 293 7.64 -0.15 6.31
C ALA A 293 7.97 0.07 7.78
N LEU A 294 7.39 -0.75 8.64
CA LEU A 294 7.61 -0.57 10.06
C LEU A 294 9.06 -0.79 10.49
N PHE A 295 9.66 -1.86 10.01
CA PHE A 295 11.02 -2.24 10.38
C PHE A 295 11.96 -2.32 9.22
N ASN A 296 13.24 -2.07 9.46
CA ASN A 296 14.27 -2.53 8.54
C ASN A 296 14.24 -4.05 8.48
N GLU A 297 14.23 -4.59 7.28
CA GLU A 297 14.05 -6.01 7.03
C GLU A 297 15.32 -6.58 6.42
N ASN A 298 16.11 -7.26 7.26
CA ASN A 298 17.47 -7.62 6.85
C ASN A 298 17.60 -8.78 5.88
N LEU A 299 16.49 -9.40 5.48
CA LEU A 299 16.52 -10.46 4.47
C LEU A 299 16.06 -9.98 3.13
N LYS A 300 15.63 -8.72 3.02
CA LYS A 300 15.25 -8.15 1.73
C LYS A 300 16.51 -7.89 0.86
N GLY A 301 16.31 -7.62 -0.42
CA GLY A 301 17.41 -7.48 -1.31
C GLY A 301 16.97 -7.76 -2.72
N PRO A 302 17.94 -7.79 -3.64
CA PRO A 302 19.36 -7.80 -3.38
C PRO A 302 20.01 -6.44 -3.14
N ALA A 303 19.37 -5.38 -3.59
CA ALA A 303 19.95 -4.04 -3.44
C ALA A 303 19.88 -3.60 -1.99
N GLU A 304 20.92 -2.89 -1.56
CA GLU A 304 21.02 -2.50 -0.16
C GLU A 304 19.83 -1.65 0.29
N VAL A 305 19.30 -0.76 -0.55
CA VAL A 305 18.15 0.05 -0.13
C VAL A 305 17.00 -0.77 0.42
N GLU A 306 16.84 -2.00 -0.07
CA GLU A 306 15.73 -2.82 0.34
C GLU A 306 15.76 -3.16 1.82
N LYS A 307 16.94 -3.14 2.41
CA LYS A 307 17.11 -3.45 3.83
C LYS A 307 16.98 -2.22 4.71
N HIS A 308 16.60 -1.06 4.16
CA HIS A 308 16.55 0.18 4.91
C HIS A 308 15.27 0.98 4.71
N PHE A 309 14.14 0.27 4.65
CA PHE A 309 12.83 0.95 4.52
C PHE A 309 12.11 1.17 5.84
N GLY A 310 12.73 0.78 6.95
CA GLY A 310 12.06 0.87 8.23
C GLY A 310 11.94 2.22 8.88
N LEU A 311 10.81 2.44 9.53
CA LEU A 311 10.69 3.53 10.49
C LEU A 311 11.50 3.21 11.75
N PHE A 312 11.63 1.93 12.05
CA PHE A 312 12.33 1.44 13.23
C PHE A 312 13.36 0.40 12.86
N ASN A 313 14.44 0.37 13.63
CA ASN A 313 15.34 -0.75 13.62
C ASN A 313 14.63 -1.96 14.24
N PRO A 314 15.16 -3.16 14.05
CA PRO A 314 14.51 -4.35 14.66
C PRO A 314 14.34 -4.35 16.15
N ASP A 315 15.20 -3.64 16.88
CA ASP A 315 15.06 -3.47 18.32
C ASP A 315 14.03 -2.43 18.72
N GLU A 316 13.29 -1.89 17.74
CA GLU A 316 12.24 -0.91 17.96
C GLU A 316 12.77 0.51 18.25
N GLN A 317 14.07 0.73 18.08
CA GLN A 317 14.63 2.09 18.17
CA GLN A 317 14.61 2.10 18.20
C GLN A 317 14.33 2.79 16.85
N PRO A 318 13.84 4.02 16.89
CA PRO A 318 13.63 4.72 15.62
C PRO A 318 14.87 4.80 14.79
N VAL A 319 14.72 4.65 13.46
CA VAL A 319 15.83 4.94 12.57
C VAL A 319 16.05 6.46 12.47
N TYR A 320 14.97 7.22 12.64
CA TYR A 320 14.97 8.68 12.64
C TYR A 320 13.68 9.09 13.33
N PRO A 321 13.61 10.32 13.83
CA PRO A 321 12.40 10.70 14.54
C PRO A 321 11.23 10.94 13.59
N VAL A 322 10.07 10.44 13.98
CA VAL A 322 8.85 10.58 13.17
C VAL A 322 7.71 11.04 14.06
N LYS A 323 7.02 12.07 13.56
CA LYS A 323 5.76 12.49 14.15
C LYS A 323 4.65 11.74 13.41
N PHE A 324 4.01 10.80 14.10
CA PHE A 324 3.00 9.92 13.54
C PHE A 324 1.58 10.43 13.49
N SER A 325 1.33 11.55 14.15
CA SER A 325 -0.01 12.15 14.25
CA SER A 325 -0.03 12.13 14.13
C SER A 325 0.04 13.61 13.86
N LEU A 326 -1.13 14.25 13.76
CA LEU A 326 -1.19 15.70 13.60
C LEU A 326 -0.98 16.45 14.93
N ASN A 327 -1.24 15.79 16.06
CA ASN A 327 -1.00 16.37 17.39
C ASN A 327 0.49 16.50 17.67
#